data_5UIC
#
_entry.id   5UIC
#
_cell.length_a   47.737
_cell.length_b   47.737
_cell.length_c   191.789
_cell.angle_alpha   90.000
_cell.angle_beta   90.000
_cell.angle_gamma   90.000
#
_symmetry.space_group_name_H-M   'P 41 21 2'
#
loop_
_entity.id
_entity.type
_entity.pdbx_description
1 polymer 'Two-component response regulator'
2 water water
#
_entity_poly.entity_id   1
_entity_poly.type   'polypeptide(L)'
_entity_poly.pdbx_seq_one_letter_code
;GSHMASMTGGQQMGRDPNMRILLAEDDLHLGEGLLEALQKEGLIVNLVSDGEAAQTFIESGLYDIVVLDIGMPIKTGLEV
LRNIRNRGIKVPIILLTARDGLEDRIKGLDLGADDYLTKPFELKELVARIKAISRRIDTRSGKS
;
_entity_poly.pdbx_strand_id   A,B
#
# COMPACT_ATOMS: atom_id res chain seq x y z
N ASN A 18 -7.71 18.58 -13.13
CA ASN A 18 -8.07 17.23 -12.60
C ASN A 18 -6.88 16.63 -11.85
N MET A 19 -6.82 15.30 -11.82
CA MET A 19 -5.79 14.60 -11.05
C MET A 19 -4.49 14.54 -11.84
N ARG A 20 -3.38 14.74 -11.14
CA ARG A 20 -2.05 14.73 -11.75
C ARG A 20 -1.15 13.74 -11.02
N ILE A 21 -0.36 12.99 -11.79
CA ILE A 21 0.60 12.02 -11.26
C ILE A 21 1.98 12.42 -11.71
N LEU A 22 2.92 12.48 -10.77
CA LEU A 22 4.32 12.75 -11.06
C LEU A 22 5.10 11.45 -11.05
N LEU A 23 5.83 11.20 -12.13
CA LEU A 23 6.76 10.07 -12.23
C LEU A 23 8.17 10.62 -12.18
N ALA A 24 8.94 10.19 -11.18
CA ALA A 24 10.33 10.60 -11.01
C ALA A 24 11.20 9.35 -11.18
N GLU A 25 11.61 9.08 -12.42
CA GLU A 25 12.37 7.89 -12.74
C GLU A 25 13.47 8.26 -13.73
N ASP A 26 14.72 7.96 -13.37
CA ASP A 26 15.82 8.24 -14.28
C ASP A 26 15.88 7.25 -15.42
N ASP A 27 15.30 6.07 -15.25
CA ASP A 27 15.27 5.06 -16.31
C ASP A 27 14.25 5.48 -17.36
N LEU A 28 14.74 5.81 -18.56
CA LEU A 28 13.87 6.31 -19.62
C LEU A 28 12.79 5.30 -19.98
N HIS A 29 13.15 4.03 -20.10
CA HIS A 29 12.24 3.04 -20.67
C HIS A 29 11.13 2.68 -19.68
N LEU A 30 11.45 2.61 -18.39
CA LEU A 30 10.41 2.49 -17.39
C LEU A 30 9.54 3.74 -17.38
N GLY A 31 10.17 4.91 -17.57
CA GLY A 31 9.40 6.15 -17.61
C GLY A 31 8.36 6.15 -18.72
N GLU A 32 8.79 5.83 -19.94
CA GLU A 32 7.85 5.87 -21.06
C GLU A 32 6.79 4.78 -20.95
N GLY A 33 7.18 3.60 -20.46
CA GLY A 33 6.21 2.53 -20.29
C GLY A 33 5.10 2.90 -19.33
N LEU A 34 5.48 3.41 -18.16
CA LEU A 34 4.47 3.87 -17.20
C LEU A 34 3.67 5.03 -17.77
N LEU A 35 4.34 5.92 -18.49
CA LEU A 35 3.65 7.03 -19.16
C LEU A 35 2.52 6.50 -20.05
N GLU A 36 2.85 5.56 -20.94
CA GLU A 36 1.85 5.01 -21.85
C GLU A 36 0.74 4.30 -21.09
N ALA A 37 1.09 3.55 -20.05
CA ALA A 37 0.09 2.75 -19.34
C ALA A 37 -0.88 3.65 -18.56
N LEU A 38 -0.34 4.65 -17.84
CA LEU A 38 -1.20 5.51 -17.04
C LEU A 38 -2.02 6.46 -17.92
N GLN A 39 -1.45 6.91 -19.03
CA GLN A 39 -2.20 7.74 -19.96
C GLN A 39 -3.22 6.94 -20.76
N LYS A 40 -3.06 5.62 -20.82
CA LYS A 40 -4.10 4.75 -21.37
C LYS A 40 -5.27 4.57 -20.42
N GLU A 41 -5.13 4.98 -19.17
CA GLU A 41 -6.20 4.94 -18.18
C GLU A 41 -6.84 6.31 -17.96
N GLY A 42 -6.54 7.28 -18.81
CA GLY A 42 -7.15 8.59 -18.72
C GLY A 42 -6.51 9.55 -17.74
N LEU A 43 -5.48 9.12 -17.02
CA LEU A 43 -4.88 9.97 -15.99
C LEU A 43 -3.86 10.91 -16.62
N ILE A 44 -3.62 12.03 -15.92
CA ILE A 44 -2.62 13.00 -16.33
C ILE A 44 -1.31 12.67 -15.62
N VAL A 45 -0.23 12.60 -16.39
CA VAL A 45 1.04 12.09 -15.89
C VAL A 45 2.17 12.98 -16.39
N ASN A 46 3.05 13.39 -15.47
CA ASN A 46 4.25 14.14 -15.80
C ASN A 46 5.48 13.31 -15.41
N LEU A 47 6.61 13.63 -16.03
CA LEU A 47 7.82 12.83 -15.89
C LEU A 47 9.01 13.73 -15.61
N VAL A 48 9.71 13.46 -14.52
CA VAL A 48 11.03 14.02 -14.25
C VAL A 48 11.98 12.86 -13.98
N SER A 49 13.27 13.18 -13.85
CA SER A 49 14.29 12.15 -13.79
C SER A 49 15.43 12.45 -12.83
N ASP A 50 15.29 13.45 -11.95
CA ASP A 50 16.28 13.69 -10.92
C ASP A 50 15.58 14.21 -9.68
N GLY A 51 16.21 13.99 -8.52
CA GLY A 51 15.57 14.32 -7.26
C GLY A 51 15.32 15.81 -7.10
N GLU A 52 16.26 16.64 -7.56
CA GLU A 52 16.10 18.08 -7.45
C GLU A 52 14.77 18.53 -8.06
N ALA A 53 14.49 18.07 -9.28
CA ALA A 53 13.22 18.39 -9.92
C ALA A 53 12.06 17.73 -9.19
N ALA A 54 12.22 16.46 -8.81
CA ALA A 54 11.15 15.75 -8.12
C ALA A 54 10.71 16.49 -6.86
N GLN A 55 11.68 16.85 -6.00
CA GLN A 55 11.34 17.55 -4.77
C GLN A 55 10.70 18.91 -5.08
N THR A 56 11.27 19.64 -6.03
CA THR A 56 10.75 20.96 -6.38
C THR A 56 9.26 20.89 -6.71
N PHE A 57 8.87 19.91 -7.52
CA PHE A 57 7.51 19.85 -8.04
C PHE A 57 6.56 19.09 -7.14
N ILE A 58 7.07 18.30 -6.18
CA ILE A 58 6.22 17.78 -5.11
C ILE A 58 5.84 18.91 -4.16
N GLU A 59 6.81 19.73 -3.77
CA GLU A 59 6.57 20.86 -2.87
C GLU A 59 5.62 21.88 -3.45
N SER A 60 5.27 21.78 -4.73
CA SER A 60 4.40 22.77 -5.37
C SER A 60 2.92 22.43 -5.25
N GLY A 61 2.59 21.24 -4.75
CA GLY A 61 1.20 20.89 -4.52
C GLY A 61 0.37 20.65 -5.77
N LEU A 62 1.00 20.56 -6.94
CA LEU A 62 0.26 20.30 -8.17
C LEU A 62 -0.15 18.85 -8.33
N TYR A 63 0.39 17.94 -7.53
CA TYR A 63 0.26 16.51 -7.77
C TYR A 63 -0.57 15.83 -6.69
N ASP A 64 -1.37 14.86 -7.11
CA ASP A 64 -2.22 14.09 -6.23
C ASP A 64 -1.66 12.72 -5.91
N ILE A 65 -0.79 12.19 -6.78
CA ILE A 65 -0.06 10.95 -6.52
C ILE A 65 1.35 11.10 -7.08
N VAL A 66 2.32 10.54 -6.37
CA VAL A 66 3.73 10.66 -6.73
C VAL A 66 4.34 9.27 -6.76
N VAL A 67 5.06 8.95 -7.83
CA VAL A 67 5.85 7.74 -7.94
C VAL A 67 7.32 8.16 -7.98
N LEU A 68 8.13 7.53 -7.15
CA LEU A 68 9.46 8.04 -6.83
C LEU A 68 10.47 6.90 -6.88
N ASP A 69 11.48 7.03 -7.72
CA ASP A 69 12.54 6.03 -7.80
C ASP A 69 13.61 6.34 -6.76
N ILE A 70 13.99 5.33 -5.97
CA ILE A 70 14.98 5.54 -4.91
C ILE A 70 16.34 5.87 -5.52
N GLY A 71 16.64 5.34 -6.70
CA GLY A 71 17.92 5.59 -7.34
C GLY A 71 17.88 6.68 -8.38
N MET A 72 18.04 7.93 -7.95
CA MET A 72 17.97 9.08 -8.83
C MET A 72 19.21 9.94 -8.68
N PRO A 73 19.59 10.69 -9.72
CA PRO A 73 20.71 11.61 -9.58
C PRO A 73 20.38 12.78 -8.69
N ILE A 74 21.44 13.42 -8.18
CA ILE A 74 21.36 14.65 -7.40
C ILE A 74 20.81 14.30 -6.03
N LYS A 75 19.48 14.23 -5.90
CA LYS A 75 18.85 13.78 -4.66
C LYS A 75 18.21 12.42 -4.88
N THR A 76 18.32 11.56 -3.87
CA THR A 76 17.73 10.24 -3.98
C THR A 76 16.26 10.28 -3.57
N GLY A 77 15.52 9.25 -3.99
CA GLY A 77 14.13 9.15 -3.63
C GLY A 77 13.88 9.25 -2.13
N LEU A 78 14.81 8.73 -1.33
CA LEU A 78 14.65 8.78 0.13
C LEU A 78 14.94 10.18 0.65
N GLU A 79 15.95 10.86 0.12
CA GLU A 79 16.17 12.26 0.45
C GLU A 79 14.91 13.07 0.20
N VAL A 80 14.32 12.93 -0.99
CA VAL A 80 13.13 13.70 -1.34
C VAL A 80 11.98 13.35 -0.41
N LEU A 81 11.70 12.05 -0.26
CA LEU A 81 10.60 11.62 0.59
C LEU A 81 10.70 12.24 1.98
N ARG A 82 11.88 12.16 2.59
CA ARG A 82 12.12 12.81 3.88
C ARG A 82 11.78 14.29 3.81
N ASN A 83 12.42 15.01 2.88
CA ASN A 83 12.29 16.46 2.82
C ASN A 83 10.83 16.89 2.75
N ILE A 84 10.10 16.41 1.74
CA ILE A 84 8.74 16.89 1.50
C ILE A 84 7.85 16.59 2.70
N ARG A 85 8.07 15.45 3.35
CA ARG A 85 7.28 15.12 4.54
C ARG A 85 7.53 16.12 5.66
N ASN A 86 8.78 16.57 5.80
CA ASN A 86 9.10 17.58 6.81
C ASN A 86 8.50 18.95 6.47
N ARG A 87 8.13 19.17 5.21
CA ARG A 87 7.40 20.38 4.84
C ARG A 87 5.90 20.23 5.02
N GLY A 88 5.43 19.08 5.49
CA GLY A 88 4.02 18.89 5.79
C GLY A 88 3.15 18.57 4.61
N ILE A 89 3.72 18.05 3.52
CA ILE A 89 2.93 17.68 2.36
C ILE A 89 2.46 16.24 2.53
N LYS A 90 1.18 16.01 2.23
CA LYS A 90 0.52 14.75 2.52
C LYS A 90 0.52 13.79 1.34
N VAL A 91 0.90 14.25 0.15
CA VAL A 91 0.64 13.52 -1.09
C VAL A 91 1.08 12.06 -0.97
N PRO A 92 0.29 11.10 -1.44
CA PRO A 92 0.73 9.70 -1.41
C PRO A 92 1.93 9.49 -2.32
N ILE A 93 2.89 8.70 -1.84
CA ILE A 93 4.15 8.47 -2.54
C ILE A 93 4.42 6.98 -2.62
N ILE A 94 4.69 6.49 -3.83
CA ILE A 94 5.06 5.10 -4.07
C ILE A 94 6.54 5.07 -4.44
N LEU A 95 7.31 4.25 -3.72
CA LEU A 95 8.74 4.12 -3.96
C LEU A 95 9.01 2.92 -4.87
N LEU A 96 9.94 3.13 -5.81
CA LEU A 96 10.42 2.08 -6.70
C LEU A 96 11.90 1.88 -6.44
N THR A 97 12.37 0.64 -6.52
CA THR A 97 13.74 0.37 -6.15
C THR A 97 14.17 -1.00 -6.64
N ALA A 98 15.47 -1.16 -6.82
CA ALA A 98 16.07 -2.47 -7.07
C ALA A 98 16.58 -3.13 -5.79
N ARG A 99 16.56 -2.42 -4.66
CA ARG A 99 17.00 -2.97 -3.38
C ARG A 99 16.05 -4.09 -2.97
N ASP A 100 16.51 -5.33 -3.11
CA ASP A 100 15.69 -6.51 -2.81
C ASP A 100 15.78 -6.93 -1.35
N GLY A 101 15.95 -5.98 -0.44
CA GLY A 101 16.07 -6.29 0.97
C GLY A 101 14.88 -5.83 1.79
N LEU A 102 14.23 -6.77 2.48
CA LEU A 102 13.12 -6.42 3.36
C LEU A 102 13.52 -5.33 4.36
N GLU A 103 14.80 -5.26 4.70
CA GLU A 103 15.28 -4.20 5.58
C GLU A 103 15.03 -2.83 4.97
N ASP A 104 15.31 -2.67 3.67
CA ASP A 104 15.12 -1.38 3.02
C ASP A 104 13.64 -1.08 2.78
N ARG A 105 12.82 -2.11 2.59
CA ARG A 105 11.40 -1.89 2.35
C ARG A 105 10.75 -1.24 3.57
N ILE A 106 10.95 -1.81 4.75
CA ILE A 106 10.38 -1.26 5.97
C ILE A 106 10.85 0.18 6.18
N LYS A 107 12.15 0.42 5.97
CA LYS A 107 12.69 1.76 6.22
C LYS A 107 12.07 2.79 5.28
N GLY A 108 11.76 2.39 4.05
CA GLY A 108 11.08 3.30 3.15
C GLY A 108 9.65 3.57 3.58
N LEU A 109 8.94 2.53 4.01
CA LEU A 109 7.58 2.70 4.52
C LEU A 109 7.59 3.57 5.78
N ASP A 110 8.56 3.35 6.67
CA ASP A 110 8.63 4.13 7.90
C ASP A 110 9.05 5.57 7.66
N LEU A 111 9.74 5.86 6.54
CA LEU A 111 10.11 7.23 6.23
C LEU A 111 8.94 8.05 5.70
N GLY A 112 7.81 7.42 5.37
CA GLY A 112 6.61 8.15 5.00
C GLY A 112 5.97 7.67 3.72
N ALA A 113 6.49 6.59 3.15
CA ALA A 113 5.95 6.09 1.89
C ALA A 113 4.59 5.42 2.12
N ASP A 114 3.78 5.43 1.06
CA ASP A 114 2.47 4.79 1.08
C ASP A 114 2.53 3.36 0.55
N ASP A 115 3.41 3.09 -0.40
CA ASP A 115 3.62 1.74 -0.90
C ASP A 115 5.08 1.62 -1.32
N TYR A 116 5.46 0.41 -1.74
CA TYR A 116 6.87 0.12 -1.95
C TYR A 116 6.95 -1.05 -2.92
N LEU A 117 7.39 -0.78 -4.16
CA LEU A 117 7.56 -1.79 -5.18
C LEU A 117 9.05 -2.03 -5.43
N THR A 118 9.39 -3.27 -5.71
CA THR A 118 10.76 -3.66 -6.04
C THR A 118 10.85 -4.00 -7.51
N LYS A 119 11.96 -3.64 -8.12
CA LYS A 119 12.15 -4.01 -9.51
C LYS A 119 12.85 -5.36 -9.60
N PRO A 120 12.53 -6.19 -10.61
CA PRO A 120 11.57 -5.93 -11.68
C PRO A 120 10.13 -6.14 -11.25
N PHE A 121 9.23 -5.29 -11.74
CA PHE A 121 7.80 -5.44 -11.51
C PHE A 121 7.07 -5.31 -12.84
N GLU A 122 5.85 -5.84 -12.88
CA GLU A 122 5.01 -5.71 -14.06
C GLU A 122 4.19 -4.44 -13.96
N LEU A 123 4.16 -3.66 -15.03
CA LEU A 123 3.55 -2.34 -15.00
C LEU A 123 2.12 -2.40 -14.44
N LYS A 124 1.39 -3.46 -14.77
CA LYS A 124 -0.02 -3.52 -14.40
C LYS A 124 -0.21 -3.52 -12.89
N GLU A 125 0.77 -4.00 -12.13
CA GLU A 125 0.68 -3.92 -10.67
C GLU A 125 0.72 -2.47 -10.20
N LEU A 126 1.74 -1.73 -10.66
CA LEU A 126 1.86 -0.33 -10.24
C LEU A 126 0.63 0.48 -10.67
N VAL A 127 0.10 0.18 -11.84
CA VAL A 127 -1.14 0.84 -12.29
C VAL A 127 -2.26 0.56 -11.30
N ALA A 128 -2.39 -0.71 -10.89
CA ALA A 128 -3.45 -1.07 -9.97
C ALA A 128 -3.30 -0.38 -8.62
N ARG A 129 -2.05 -0.21 -8.15
CA ARG A 129 -1.84 0.43 -6.87
C ARG A 129 -2.15 1.92 -6.94
N ILE A 130 -1.82 2.56 -8.07
CA ILE A 130 -2.16 3.96 -8.25
C ILE A 130 -3.66 4.15 -8.25
N LYS A 131 -4.39 3.24 -8.90
CA LYS A 131 -5.84 3.35 -8.93
C LYS A 131 -6.47 3.06 -7.57
N ALA A 132 -5.88 2.14 -6.80
CA ALA A 132 -6.39 1.89 -5.46
C ALA A 132 -6.16 3.09 -4.55
N ILE A 133 -5.00 3.74 -4.67
CA ILE A 133 -4.75 4.97 -3.94
C ILE A 133 -5.69 6.07 -4.42
N SER A 134 -5.96 6.12 -5.73
CA SER A 134 -6.82 7.16 -6.28
C SER A 134 -8.21 7.14 -5.67
N ARG A 135 -8.66 5.98 -5.17
CA ARG A 135 -10.01 5.87 -4.63
C ARG A 135 -10.13 6.58 -3.28
N ARG A 136 -9.06 6.62 -2.49
CA ARG A 136 -9.10 7.17 -1.14
C ARG A 136 -8.79 8.67 -1.10
N ILE A 137 -8.82 9.35 -2.24
CA ILE A 137 -8.47 10.77 -2.29
C ILE A 137 -9.52 11.53 -3.09
N ASN B 18 -5.38 3.25 20.89
CA ASN B 18 -5.86 4.05 19.71
C ASN B 18 -6.95 3.32 18.94
N MET B 19 -6.60 2.64 17.84
CA MET B 19 -7.58 2.11 16.92
C MET B 19 -7.67 0.59 17.03
N ARG B 20 -8.83 0.07 16.63
CA ARG B 20 -9.10 -1.36 16.59
C ARG B 20 -8.75 -1.90 15.20
N ILE B 21 -8.05 -3.03 15.16
CA ILE B 21 -7.71 -3.69 13.91
C ILE B 21 -8.16 -5.14 14.00
N LEU B 22 -8.65 -5.66 12.88
CA LEU B 22 -9.09 -7.06 12.79
C LEU B 22 -8.05 -7.86 12.02
N LEU B 23 -7.71 -9.04 12.54
CA LEU B 23 -6.86 -9.99 11.83
C LEU B 23 -7.66 -11.27 11.61
N ALA B 24 -8.00 -11.53 10.35
CA ALA B 24 -8.72 -12.73 9.95
C ALA B 24 -7.72 -13.63 9.23
N GLU B 25 -7.35 -14.74 9.86
CA GLU B 25 -6.32 -15.60 9.31
C GLU B 25 -6.62 -17.06 9.66
N ASP B 26 -6.44 -17.93 8.68
CA ASP B 26 -6.54 -19.37 8.93
C ASP B 26 -5.40 -19.83 9.83
N ASP B 27 -4.21 -19.24 9.67
CA ASP B 27 -3.03 -19.59 10.46
C ASP B 27 -2.84 -18.53 11.53
N LEU B 28 -3.04 -18.91 12.79
CA LEU B 28 -2.83 -17.99 13.91
C LEU B 28 -1.42 -18.17 14.44
N HIS B 29 -0.71 -17.04 14.60
CA HIS B 29 0.69 -17.06 14.99
C HIS B 29 0.79 -17.03 16.51
N LEU B 30 0.63 -18.20 17.12
CA LEU B 30 0.86 -18.36 18.54
C LEU B 30 2.35 -18.54 18.82
N GLY B 31 2.76 -18.15 20.01
CA GLY B 31 4.15 -18.24 20.41
C GLY B 31 5.03 -17.12 19.88
N GLU B 32 4.49 -16.21 19.07
CA GLU B 32 5.26 -15.08 18.57
C GLU B 32 4.89 -13.76 19.21
N GLY B 33 3.74 -13.68 19.88
CA GLY B 33 3.39 -12.49 20.65
C GLY B 33 3.18 -11.25 19.80
N LEU B 34 2.45 -11.39 18.70
CA LEU B 34 2.12 -10.21 17.90
C LEU B 34 1.18 -9.26 18.64
N LEU B 35 0.41 -9.79 19.60
CA LEU B 35 -0.57 -8.96 20.29
C LEU B 35 0.10 -7.82 21.04
N GLU B 36 1.11 -8.13 21.85
CA GLU B 36 1.80 -7.08 22.61
C GLU B 36 2.55 -6.14 21.67
N ALA B 37 3.16 -6.69 20.61
CA ALA B 37 3.89 -5.85 19.67
C ALA B 37 2.96 -4.83 19.03
N LEU B 38 1.86 -5.29 18.42
CA LEU B 38 0.91 -4.38 17.82
C LEU B 38 0.28 -3.47 18.87
N GLN B 39 -0.08 -4.03 20.03
CA GLN B 39 -0.69 -3.21 21.07
C GLN B 39 0.27 -2.12 21.53
N LYS B 40 1.57 -2.42 21.60
CA LYS B 40 2.55 -1.39 21.94
C LYS B 40 2.64 -0.31 20.87
N GLU B 41 2.22 -0.61 19.65
CA GLU B 41 2.08 0.39 18.60
C GLU B 41 0.73 1.09 18.64
N GLY B 42 -0.06 0.85 19.68
CA GLY B 42 -1.37 1.47 19.81
C GLY B 42 -2.49 0.76 19.09
N LEU B 43 -2.24 -0.44 18.55
CA LEU B 43 -3.21 -1.15 17.74
C LEU B 43 -3.86 -2.26 18.58
N ILE B 44 -5.13 -2.06 18.93
CA ILE B 44 -5.88 -3.04 19.69
C ILE B 44 -6.41 -4.11 18.74
N VAL B 45 -6.05 -5.37 18.99
CA VAL B 45 -6.24 -6.46 18.03
C VAL B 45 -7.46 -7.29 18.39
N ASN B 46 -8.15 -7.76 17.36
CA ASN B 46 -9.18 -8.78 17.47
C ASN B 46 -8.92 -9.86 16.43
N LEU B 47 -9.22 -11.10 16.78
CA LEU B 47 -8.82 -12.25 15.98
C LEU B 47 -10.03 -13.09 15.56
N VAL B 48 -10.03 -13.50 14.29
CA VAL B 48 -10.97 -14.49 13.77
C VAL B 48 -10.22 -15.38 12.79
N SER B 49 -10.85 -16.49 12.41
CA SER B 49 -10.17 -17.49 11.58
C SER B 49 -11.06 -18.07 10.49
N ASP B 50 -12.22 -17.49 10.20
CA ASP B 50 -13.06 -17.97 9.12
C ASP B 50 -13.76 -16.80 8.46
N GLY B 51 -13.99 -16.92 7.16
CA GLY B 51 -14.54 -15.81 6.39
C GLY B 51 -15.90 -15.34 6.87
N GLU B 52 -16.73 -16.26 7.35
CA GLU B 52 -18.07 -15.87 7.79
C GLU B 52 -17.99 -14.92 8.97
N ALA B 53 -17.16 -15.24 9.96
CA ALA B 53 -17.00 -14.35 11.11
C ALA B 53 -16.28 -13.07 10.72
N ALA B 54 -15.30 -13.17 9.82
CA ALA B 54 -14.58 -11.97 9.38
C ALA B 54 -15.53 -10.96 8.75
N GLN B 55 -16.43 -11.43 7.88
CA GLN B 55 -17.38 -10.53 7.24
C GLN B 55 -18.30 -9.88 8.26
N THR B 56 -18.79 -10.66 9.23
CA THR B 56 -19.67 -10.10 10.24
C THR B 56 -18.96 -9.07 11.10
N PHE B 57 -17.70 -9.35 11.47
CA PHE B 57 -16.92 -8.39 12.23
C PHE B 57 -16.73 -7.10 11.43
N ILE B 58 -16.33 -7.23 10.16
CA ILE B 58 -16.10 -6.05 9.32
C ILE B 58 -17.37 -5.24 9.19
N GLU B 59 -18.51 -5.89 8.97
CA GLU B 59 -19.77 -5.18 8.78
C GLU B 59 -20.16 -4.41 10.03
N SER B 60 -19.72 -4.85 11.20
CA SER B 60 -20.03 -4.13 12.44
C SER B 60 -19.53 -2.70 12.40
N GLY B 61 -18.52 -2.40 11.58
CA GLY B 61 -17.99 -1.06 11.50
C GLY B 61 -17.18 -0.63 12.69
N LEU B 62 -16.76 -1.57 13.54
CA LEU B 62 -16.00 -1.24 14.73
C LEU B 62 -14.50 -1.20 14.49
N TYR B 63 -14.04 -1.50 13.28
CA TYR B 63 -12.61 -1.62 13.00
C TYR B 63 -12.16 -0.50 12.06
N ASP B 64 -10.95 -0.01 12.32
CA ASP B 64 -10.35 1.03 11.49
C ASP B 64 -9.43 0.47 10.42
N ILE B 65 -8.82 -0.69 10.66
CA ILE B 65 -8.02 -1.39 9.67
C ILE B 65 -8.35 -2.88 9.77
N VAL B 66 -8.40 -3.54 8.63
CA VAL B 66 -8.68 -4.97 8.55
C VAL B 66 -7.54 -5.65 7.80
N VAL B 67 -7.01 -6.72 8.37
CA VAL B 67 -6.05 -7.59 7.72
C VAL B 67 -6.77 -8.89 7.40
N LEU B 68 -6.86 -9.22 6.11
CA LEU B 68 -7.75 -10.26 5.64
C LEU B 68 -6.96 -11.31 4.88
N ASP B 69 -7.04 -12.55 5.34
CA ASP B 69 -6.39 -13.69 4.68
C ASP B 69 -7.22 -14.10 3.47
N ILE B 70 -6.55 -14.31 2.34
CA ILE B 70 -7.26 -14.65 1.11
C ILE B 70 -7.88 -16.03 1.21
N GLY B 71 -7.17 -16.99 1.79
CA GLY B 71 -7.62 -18.37 1.81
C GLY B 71 -8.25 -18.81 3.12
N MET B 72 -9.35 -18.16 3.51
CA MET B 72 -10.03 -18.53 4.73
C MET B 72 -11.00 -19.68 4.50
N PRO B 73 -11.39 -20.39 5.55
CA PRO B 73 -12.48 -21.35 5.41
C PRO B 73 -13.82 -20.66 5.23
N ILE B 74 -14.77 -21.43 4.71
CA ILE B 74 -16.13 -20.97 4.47
C ILE B 74 -16.08 -19.94 3.34
N LYS B 75 -15.87 -18.67 3.67
CA LYS B 75 -15.76 -17.61 2.68
C LYS B 75 -14.31 -17.20 2.56
N THR B 76 -13.80 -17.15 1.33
CA THR B 76 -12.43 -16.71 1.12
C THR B 76 -12.32 -15.21 1.36
N GLY B 77 -11.08 -14.73 1.42
CA GLY B 77 -10.86 -13.31 1.60
C GLY B 77 -11.44 -12.47 0.48
N LEU B 78 -11.45 -13.01 -0.75
CA LEU B 78 -11.98 -12.25 -1.87
C LEU B 78 -13.51 -12.15 -1.80
N GLU B 79 -14.18 -13.24 -1.43
CA GLU B 79 -15.62 -13.17 -1.20
C GLU B 79 -15.95 -12.12 -0.16
N VAL B 80 -15.29 -12.19 1.00
CA VAL B 80 -15.53 -11.23 2.08
C VAL B 80 -15.32 -9.81 1.56
N LEU B 81 -14.21 -9.59 0.86
CA LEU B 81 -13.91 -8.27 0.33
C LEU B 81 -15.02 -7.79 -0.61
N ARG B 82 -15.45 -8.65 -1.53
CA ARG B 82 -16.57 -8.32 -2.40
C ARG B 82 -17.79 -7.92 -1.59
N ASN B 83 -18.21 -8.78 -0.67
CA ASN B 83 -19.48 -8.60 0.02
C ASN B 83 -19.48 -7.31 0.85
N ILE B 84 -18.38 -7.02 1.54
CA ILE B 84 -18.39 -5.88 2.45
C ILE B 84 -18.29 -4.56 1.68
N ARG B 85 -17.57 -4.56 0.54
CA ARG B 85 -17.55 -3.35 -0.29
C ARG B 85 -18.91 -3.13 -0.94
N ASN B 86 -19.56 -4.20 -1.42
CA ASN B 86 -20.93 -4.07 -1.90
C ASN B 86 -21.88 -3.67 -0.77
N ARG B 87 -21.55 -4.02 0.47
CA ARG B 87 -22.29 -3.54 1.63
C ARG B 87 -21.99 -2.08 1.95
N GLY B 88 -21.09 -1.44 1.21
CA GLY B 88 -20.74 -0.06 1.48
C GLY B 88 -19.71 0.13 2.56
N ILE B 89 -19.15 -0.94 3.11
CA ILE B 89 -18.12 -0.80 4.15
C ILE B 89 -16.84 -0.29 3.51
N LYS B 90 -16.29 0.79 4.07
CA LYS B 90 -15.15 1.48 3.48
C LYS B 90 -13.86 1.31 4.26
N VAL B 91 -13.83 0.39 5.23
CA VAL B 91 -12.62 0.26 6.06
C VAL B 91 -11.45 -0.13 5.17
N PRO B 92 -10.25 0.40 5.39
CA PRO B 92 -9.09 -0.04 4.61
C PRO B 92 -8.72 -1.47 4.94
N ILE B 93 -8.33 -2.22 3.90
CA ILE B 93 -8.11 -3.66 4.00
C ILE B 93 -6.74 -4.01 3.43
N ILE B 94 -6.03 -4.89 4.14
CA ILE B 94 -4.76 -5.44 3.68
C ILE B 94 -4.98 -6.92 3.44
N LEU B 95 -4.71 -7.37 2.21
CA LEU B 95 -4.85 -8.77 1.86
C LEU B 95 -3.54 -9.52 2.11
N LEU B 96 -3.66 -10.75 2.60
CA LEU B 96 -2.53 -11.66 2.74
C LEU B 96 -2.58 -12.64 1.58
N THR B 97 -1.66 -12.47 0.63
CA THR B 97 -1.75 -13.15 -0.66
C THR B 97 -0.87 -14.39 -0.70
N ALA B 98 0.17 -14.35 -1.52
CA ALA B 98 1.10 -15.46 -1.74
C ALA B 98 2.34 -14.86 -2.39
N ARG B 99 3.28 -15.71 -2.81
CA ARG B 99 4.44 -15.22 -3.54
C ARG B 99 4.17 -15.13 -5.05
N ASP B 100 3.61 -16.20 -5.64
CA ASP B 100 3.19 -16.17 -7.03
C ASP B 100 1.72 -15.76 -7.19
N GLY B 101 1.18 -15.03 -6.22
CA GLY B 101 -0.18 -14.56 -6.30
C GLY B 101 -0.27 -13.18 -6.92
N LEU B 102 0.45 -12.98 -8.03
CA LEU B 102 0.44 -11.68 -8.69
C LEU B 102 -0.97 -11.30 -9.13
N GLU B 103 -1.72 -12.26 -9.70
CA GLU B 103 -3.09 -11.98 -10.09
C GLU B 103 -3.98 -11.78 -8.88
N ASP B 104 -3.63 -12.39 -7.74
CA ASP B 104 -4.36 -12.13 -6.51
C ASP B 104 -4.17 -10.69 -6.04
N ARG B 105 -2.98 -10.12 -6.27
CA ARG B 105 -2.76 -8.72 -5.94
C ARG B 105 -3.62 -7.81 -6.81
N ILE B 106 -3.49 -7.94 -8.13
CA ILE B 106 -4.23 -7.09 -9.05
C ILE B 106 -5.73 -7.22 -8.80
N LYS B 107 -6.24 -8.45 -8.88
CA LYS B 107 -7.66 -8.68 -8.66
C LYS B 107 -8.09 -8.13 -7.29
N GLY B 108 -7.35 -8.47 -6.24
CA GLY B 108 -7.69 -7.99 -4.92
C GLY B 108 -7.76 -6.47 -4.84
N LEU B 109 -6.82 -5.79 -5.50
CA LEU B 109 -6.84 -4.34 -5.51
C LEU B 109 -8.01 -3.81 -6.32
N ASP B 110 -8.33 -4.44 -7.45
CA ASP B 110 -9.47 -4.02 -8.25
C ASP B 110 -10.79 -4.24 -7.54
N LEU B 111 -10.86 -5.14 -6.58
CA LEU B 111 -12.07 -5.37 -5.81
C LEU B 111 -12.21 -4.44 -4.62
N GLY B 112 -11.21 -3.60 -4.35
CA GLY B 112 -11.28 -2.62 -3.27
C GLY B 112 -10.21 -2.75 -2.22
N ALA B 113 -9.37 -3.79 -2.25
CA ALA B 113 -8.30 -3.89 -1.27
C ALA B 113 -7.34 -2.71 -1.41
N ASP B 114 -6.72 -2.33 -0.30
CA ASP B 114 -5.83 -1.18 -0.28
C ASP B 114 -4.35 -1.55 -0.24
N ASP B 115 -4.02 -2.81 0.01
CA ASP B 115 -2.62 -3.22 0.05
C ASP B 115 -2.55 -4.74 0.01
N TYR B 116 -1.35 -5.24 -0.25
CA TYR B 116 -1.03 -6.66 -0.27
C TYR B 116 -0.09 -6.98 0.87
N LEU B 117 0.30 -8.26 0.96
CA LEU B 117 1.34 -8.69 1.88
C LEU B 117 1.65 -10.16 1.65
N THR B 118 2.84 -10.45 1.14
CA THR B 118 3.24 -11.83 0.88
C THR B 118 3.01 -12.69 2.11
N LYS B 119 2.35 -13.84 1.92
CA LYS B 119 1.87 -14.63 3.05
C LYS B 119 2.95 -14.94 4.07
N PRO B 120 4.11 -15.50 3.71
CA PRO B 120 5.21 -15.60 4.68
C PRO B 120 5.79 -14.24 5.00
N PHE B 121 5.12 -13.48 5.87
CA PHE B 121 5.52 -12.11 6.20
C PHE B 121 6.18 -12.07 7.57
N GLU B 122 6.81 -10.93 7.85
CA GLU B 122 7.39 -10.66 9.15
C GLU B 122 6.56 -9.62 9.88
N LEU B 123 6.46 -9.80 11.21
CA LEU B 123 5.75 -8.82 12.03
C LEU B 123 6.18 -7.40 11.70
N LYS B 124 7.47 -7.20 11.40
CA LYS B 124 7.96 -5.86 11.09
C LYS B 124 7.26 -5.29 9.86
N GLU B 125 7.21 -6.06 8.77
CA GLU B 125 6.60 -5.57 7.55
C GLU B 125 5.10 -5.33 7.74
N LEU B 126 4.43 -6.20 8.50
CA LEU B 126 3.00 -6.05 8.71
C LEU B 126 2.69 -4.78 9.49
N VAL B 127 3.38 -4.57 10.61
CA VAL B 127 3.19 -3.34 11.38
C VAL B 127 3.47 -2.11 10.52
N ALA B 128 4.55 -2.16 9.74
CA ALA B 128 4.90 -1.02 8.88
C ALA B 128 3.77 -0.72 7.90
N ARG B 129 3.23 -1.75 7.26
CA ARG B 129 2.18 -1.54 6.27
C ARG B 129 0.86 -1.12 6.93
N ILE B 130 0.65 -1.51 8.19
CA ILE B 130 -0.55 -1.07 8.89
C ILE B 130 -0.49 0.42 9.16
N LYS B 131 0.55 0.87 9.87
CA LYS B 131 0.71 2.29 10.15
C LYS B 131 0.85 3.11 8.87
N ALA B 132 1.31 2.50 7.77
CA ALA B 132 1.38 3.21 6.50
C ALA B 132 0.01 3.33 5.85
N ILE B 133 -0.89 2.39 6.13
CA ILE B 133 -2.27 2.53 5.68
C ILE B 133 -3.03 3.56 6.50
N SER B 134 -2.51 3.91 7.69
CA SER B 134 -3.20 4.84 8.56
C SER B 134 -3.25 6.26 7.99
N ARG B 135 -2.37 6.61 7.04
CA ARG B 135 -2.30 7.97 6.52
C ARG B 135 -3.32 8.24 5.41
N ARG B 136 -4.37 7.41 5.28
CA ARG B 136 -5.47 7.68 4.37
C ARG B 136 -6.71 8.13 5.13
N ILE B 137 -6.54 8.48 6.40
CA ILE B 137 -7.56 9.04 7.27
C ILE B 137 -6.77 9.57 8.46
N ASP B 138 -7.44 9.88 9.56
CA ASP B 138 -6.71 10.26 10.77
C ASP B 138 -7.63 10.26 11.99
#